data_4O0A
#
_entry.id   4O0A
#
_cell.length_a   37.912
_cell.length_b   53.582
_cell.length_c   53.932
_cell.angle_alpha   90.00
_cell.angle_beta   90.00
_cell.angle_gamma   90.00
#
_symmetry.space_group_name_H-M   'P 21 21 21'
#
loop_
_entity.id
_entity.type
_entity.pdbx_description
1 polymer 'Replication protein A 70 kDa DNA-binding subunit'
2 non-polymer '5-{4-[({[4-(5-carboxyfuran-2-yl)-2-chlorophenyl]carbonothioyl}amino)methyl]phenyl}-1-(3,4-dichlorophenyl)-1H-pyrazole-3-carboxylic acid'
3 water water
#
_entity_poly.entity_id   1
_entity_poly.type   'polypeptide(L)'
_entity_poly.pdbx_seq_one_letter_code
;GSHMVGQLSRGAIAAIMQKGDTNIKPILQVINIRPITTGNSPPRYRLLMSDGLNTLSSFMLATQLNPLVEEEQLSSNCVC
QIHRFIVNTLKDGRRVVILMELEVLKSAEAVGVKIGNPVPYNE
;
_entity_poly.pdbx_strand_id   A
#
loop_
_chem_comp.id
_chem_comp.type
_chem_comp.name
_chem_comp.formula
2P9 non-polymer '5-{4-[({[4-(5-carboxyfuran-2-yl)-2-chlorophenyl]carbonothioyl}amino)methyl]phenyl}-1-(3,4-dichlorophenyl)-1H-pyrazole-3-carboxylic acid' 'C29 H18 Cl3 N3 O5 S'
#
# COMPACT_ATOMS: atom_id res chain seq x y z
N GLY A 1 -12.45 14.78 5.39
CA GLY A 1 -12.89 15.69 6.50
C GLY A 1 -13.06 14.90 7.80
N SER A 2 -13.84 15.46 8.72
CA SER A 2 -14.06 14.93 10.07
C SER A 2 -13.95 13.39 10.15
N HIS A 3 -13.47 12.87 11.28
CA HIS A 3 -13.35 11.41 11.39
CA HIS A 3 -13.10 11.46 11.46
C HIS A 3 -12.46 10.85 10.23
N MET A 4 -11.17 11.17 10.20
CA MET A 4 -10.36 10.86 9.02
C MET A 4 -10.28 9.39 8.72
N VAL A 5 -10.32 8.55 9.72
CA VAL A 5 -10.19 7.13 9.49
CA VAL A 5 -10.20 7.12 9.47
C VAL A 5 -11.38 6.60 8.69
N GLY A 6 -12.50 7.33 8.70
CA GLY A 6 -13.63 7.00 7.85
C GLY A 6 -13.31 7.07 6.38
N GLN A 7 -12.21 7.67 6.00
CA GLN A 7 -11.81 7.74 4.62
C GLN A 7 -11.03 6.49 4.15
N LEU A 8 -10.66 5.61 5.08
CA LEU A 8 -9.86 4.42 4.76
C LEU A 8 -10.66 3.16 4.90
N SER A 9 -10.30 2.13 4.15
CA SER A 9 -11.00 0.86 4.19
C SER A 9 -10.62 0.01 5.39
N ARG A 10 -11.09 0.41 6.56
CA ARG A 10 -10.80 -0.29 7.81
C ARG A 10 -11.17 -1.76 7.66
N GLY A 11 -10.22 -2.64 7.97
CA GLY A 11 -10.42 -4.07 7.86
C GLY A 11 -9.92 -4.66 6.57
N ALA A 12 -9.52 -3.87 5.59
CA ALA A 12 -9.06 -4.43 4.34
C ALA A 12 -7.78 -5.21 4.49
N ILE A 13 -6.88 -4.78 5.35
CA ILE A 13 -5.63 -5.52 5.48
C ILE A 13 -5.89 -6.94 5.96
N ALA A 14 -6.70 -7.10 6.98
CA ALA A 14 -7.07 -8.43 7.42
C ALA A 14 -7.78 -9.21 6.32
N ALA A 15 -8.62 -8.58 5.53
CA ALA A 15 -9.37 -9.29 4.48
C ALA A 15 -8.37 -9.84 3.46
N ILE A 16 -7.37 -9.05 3.11
CA ILE A 16 -6.40 -9.50 2.12
C ILE A 16 -5.51 -10.63 2.61
N MET A 17 -5.01 -10.50 3.84
N MET A 17 -4.99 -10.49 3.83
CA MET A 17 -4.03 -11.43 4.38
CA MET A 17 -3.98 -11.40 4.33
C MET A 17 -4.67 -12.70 4.89
C MET A 17 -4.65 -12.67 4.89
N GLN A 18 -5.86 -12.56 5.45
CA GLN A 18 -6.59 -13.72 6.04
C GLN A 18 -7.48 -14.44 5.03
N LYS A 19 -8.46 -13.72 4.50
CA LYS A 19 -9.52 -14.32 3.70
C LYS A 19 -9.11 -14.58 2.27
N GLY A 20 -8.00 -13.97 1.84
CA GLY A 20 -7.56 -14.13 0.48
C GLY A 20 -8.46 -13.36 -0.47
N ASP A 21 -8.98 -12.23 0.00
CA ASP A 21 -9.82 -11.38 -0.81
C ASP A 21 -8.95 -10.55 -1.77
N THR A 22 -9.11 -10.79 -3.08
CA THR A 22 -8.39 -10.01 -4.08
C THR A 22 -9.32 -9.21 -4.96
N ASN A 23 -10.62 -9.23 -4.63
CA ASN A 23 -11.60 -8.49 -5.41
C ASN A 23 -11.86 -7.07 -4.92
N ILE A 24 -11.62 -6.85 -3.64
CA ILE A 24 -11.82 -5.53 -3.07
C ILE A 24 -10.91 -4.50 -3.76
N LYS A 25 -11.33 -3.24 -3.73
CA LYS A 25 -10.55 -2.10 -4.21
C LYS A 25 -10.34 -1.13 -3.07
N PRO A 26 -9.57 -1.56 -2.07
CA PRO A 26 -9.52 -0.82 -0.81
C PRO A 26 -8.79 0.49 -0.92
N ILE A 27 -9.21 1.41 -0.06
CA ILE A 27 -8.56 2.71 0.08
C ILE A 27 -7.66 2.63 1.31
N LEU A 28 -6.38 2.87 1.07
CA LEU A 28 -5.33 2.70 2.07
C LEU A 28 -4.49 3.98 2.12
N GLN A 29 -3.81 4.21 3.22
CA GLN A 29 -2.85 5.30 3.33
C GLN A 29 -1.43 4.76 3.25
N VAL A 30 -0.60 5.42 2.47
CA VAL A 30 0.83 5.12 2.47
C VAL A 30 1.44 5.72 3.71
N ILE A 31 2.13 4.92 4.51
CA ILE A 31 2.84 5.45 5.66
C ILE A 31 4.31 5.70 5.33
N ASN A 32 4.92 4.80 4.59
CA ASN A 32 6.33 4.94 4.23
C ASN A 32 6.58 4.17 2.95
N ILE A 33 7.60 4.59 2.19
CA ILE A 33 8.03 3.90 0.98
C ILE A 33 9.53 3.87 1.02
N ARG A 34 10.12 2.74 0.71
CA ARG A 34 11.57 2.67 0.60
C ARG A 34 11.96 1.72 -0.51
N PRO A 35 13.09 1.96 -1.16
CA PRO A 35 13.56 0.99 -2.14
C PRO A 35 14.01 -0.28 -1.46
N ILE A 36 13.82 -1.43 -2.09
CA ILE A 36 14.50 -2.64 -1.62
C ILE A 36 15.87 -2.68 -2.26
N THR A 37 16.70 -3.62 -1.84
CA THR A 37 17.99 -3.78 -2.48
C THR A 37 17.83 -4.48 -3.81
N THR A 38 18.18 -3.79 -4.87
CA THR A 38 18.18 -4.36 -6.21
C THR A 38 19.58 -4.21 -6.80
N GLY A 39 19.85 -4.98 -7.83
CA GLY A 39 21.12 -4.89 -8.55
C GLY A 39 20.90 -4.30 -9.93
N ASN A 40 21.28 -5.07 -10.94
CA ASN A 40 21.10 -4.68 -12.33
C ASN A 40 19.67 -4.94 -12.80
N SER A 41 18.76 -4.10 -12.33
CA SER A 41 17.34 -4.24 -12.65
C SER A 41 16.67 -2.94 -12.29
N PRO A 42 15.42 -2.74 -12.73
CA PRO A 42 14.76 -1.53 -12.24
C PRO A 42 14.65 -1.55 -10.72
N PRO A 43 14.63 -0.37 -10.10
CA PRO A 43 14.39 -0.38 -8.66
C PRO A 43 13.03 -0.97 -8.35
N ARG A 44 12.88 -1.39 -7.12
CA ARG A 44 11.63 -1.94 -6.59
CA ARG A 44 11.58 -1.81 -6.63
C ARG A 44 11.33 -1.24 -5.26
N TYR A 45 10.08 -0.83 -5.06
CA TYR A 45 9.69 -0.13 -3.85
C TYR A 45 8.82 -0.99 -2.96
N ARG A 46 9.11 -0.94 -1.67
CA ARG A 46 8.33 -1.56 -0.61
C ARG A 46 7.58 -0.47 0.14
N LEU A 47 6.35 -0.78 0.52
CA LEU A 47 5.46 0.19 1.16
C LEU A 47 4.93 -0.32 2.48
N LEU A 48 4.93 0.56 3.46
CA LEU A 48 4.19 0.35 4.70
C LEU A 48 2.86 1.05 4.50
N MET A 49 1.76 0.30 4.47
CA MET A 49 0.40 0.78 4.19
CA MET A 49 0.45 0.91 4.26
C MET A 49 -0.47 0.66 5.43
N SER A 50 -1.51 1.46 5.52
CA SER A 50 -2.46 1.47 6.62
C SER A 50 -3.87 1.45 6.08
N ASP A 51 -4.72 0.67 6.74
CA ASP A 51 -6.15 0.74 6.48
C ASP A 51 -6.87 1.46 7.61
N GLY A 52 -6.13 2.11 8.50
CA GLY A 52 -6.74 2.83 9.63
C GLY A 52 -6.73 2.04 10.93
N LEU A 53 -6.87 0.72 10.82
CA LEU A 53 -6.77 -0.18 12.00
C LEU A 53 -5.43 -0.83 12.13
N ASN A 54 -4.88 -1.26 10.99
CA ASN A 54 -3.60 -1.93 10.95
C ASN A 54 -2.66 -1.26 9.96
N THR A 55 -1.37 -1.38 10.25
CA THR A 55 -0.36 -1.17 9.23
C THR A 55 0.22 -2.51 8.81
N LEU A 56 0.83 -2.53 7.64
CA LEU A 56 1.44 -3.73 7.10
C LEU A 56 2.49 -3.35 6.08
N SER A 57 3.69 -3.90 6.21
CA SER A 57 4.79 -3.56 5.34
C SER A 57 5.06 -4.56 4.22
N SER A 58 4.13 -5.48 4.00
N SER A 58 4.19 -5.55 4.04
CA SER A 58 4.31 -6.59 3.06
CA SER A 58 4.41 -6.56 3.02
C SER A 58 3.92 -6.27 1.61
C SER A 58 3.70 -6.19 1.72
N PHE A 59 4.03 -5.01 1.23
CA PHE A 59 3.60 -4.54 -0.07
C PHE A 59 4.81 -4.14 -0.91
N MET A 60 4.82 -4.54 -2.17
CA MET A 60 5.76 -3.98 -3.11
C MET A 60 5.00 -3.49 -4.32
N LEU A 61 5.58 -2.51 -5.00
CA LEU A 61 4.95 -1.89 -6.15
C LEU A 61 5.35 -2.57 -7.45
N ALA A 62 4.42 -2.78 -8.36
CA ALA A 62 4.77 -3.17 -9.73
C ALA A 62 5.73 -2.15 -10.31
N THR A 63 6.72 -2.62 -11.06
CA THR A 63 7.75 -1.77 -11.65
CA THR A 63 7.71 -1.67 -11.53
C THR A 63 7.15 -0.70 -12.55
N GLN A 64 6.06 -1.05 -13.24
N GLN A 64 6.09 -1.05 -13.27
CA GLN A 64 5.38 -0.11 -14.15
CA GLN A 64 5.49 -0.09 -14.17
C GLN A 64 4.90 1.14 -13.44
C GLN A 64 5.08 1.19 -13.42
N LEU A 65 4.73 1.08 -12.13
CA LEU A 65 4.30 2.21 -11.34
C LEU A 65 5.43 3.00 -10.69
N ASN A 66 6.68 2.59 -10.93
CA ASN A 66 7.80 3.34 -10.37
C ASN A 66 7.75 4.84 -10.57
N PRO A 67 7.29 5.33 -11.74
CA PRO A 67 7.26 6.79 -11.92
C PRO A 67 6.41 7.50 -10.90
N LEU A 68 5.36 6.86 -10.39
CA LEU A 68 4.52 7.46 -9.36
CA LEU A 68 4.54 7.49 -9.36
C LEU A 68 5.36 7.83 -8.13
N VAL A 69 6.28 6.95 -7.77
CA VAL A 69 7.16 7.20 -6.64
C VAL A 69 8.24 8.20 -7.02
N GLU A 70 8.86 8.01 -8.16
CA GLU A 70 10.00 8.80 -8.53
C GLU A 70 9.62 10.23 -8.85
N GLU A 71 8.40 10.46 -9.31
CA GLU A 71 7.91 11.82 -9.57
C GLU A 71 7.10 12.38 -8.40
N GLU A 72 7.08 11.66 -7.29
N GLU A 72 7.00 11.61 -7.32
CA GLU A 72 6.54 12.17 -6.03
CA GLU A 72 6.53 12.05 -5.99
C GLU A 72 5.05 12.45 -6.08
C GLU A 72 5.01 12.12 -5.83
N GLN A 73 4.29 11.61 -6.81
CA GLN A 73 2.83 11.61 -6.70
C GLN A 73 2.33 10.59 -5.69
N LEU A 74 3.09 9.52 -5.52
CA LEU A 74 2.81 8.48 -4.53
C LEU A 74 3.91 8.62 -3.46
N SER A 75 3.53 9.08 -2.28
CA SER A 75 4.48 9.31 -1.22
CA SER A 75 4.48 9.40 -1.22
C SER A 75 3.83 9.23 0.16
N SER A 76 4.66 9.20 1.19
CA SER A 76 4.16 9.05 2.55
C SER A 76 3.08 10.05 2.90
N ASN A 77 1.99 9.52 3.44
CA ASN A 77 0.77 10.18 3.87
C ASN A 77 -0.32 10.21 2.80
N CYS A 78 -0.01 9.93 1.56
CA CYS A 78 -1.05 10.00 0.55
CA CYS A 78 -0.96 9.85 0.46
C CYS A 78 -2.06 8.86 0.77
N VAL A 79 -3.26 9.11 0.25
CA VAL A 79 -4.36 8.16 0.35
C VAL A 79 -4.63 7.65 -1.05
N CYS A 80 -4.64 6.34 -1.21
CA CYS A 80 -4.79 5.76 -2.53
CA CYS A 80 -4.71 5.67 -2.50
C CYS A 80 -5.78 4.61 -2.55
N GLN A 81 -6.35 4.38 -3.71
CA GLN A 81 -7.22 3.24 -3.93
C GLN A 81 -6.48 2.19 -4.72
N ILE A 82 -6.48 0.97 -4.22
CA ILE A 82 -5.84 -0.13 -4.92
C ILE A 82 -6.83 -0.76 -5.88
N HIS A 83 -6.59 -0.58 -7.17
CA HIS A 83 -7.49 -1.11 -8.18
C HIS A 83 -7.17 -2.52 -8.60
N ARG A 84 -5.94 -2.96 -8.48
CA ARG A 84 -5.56 -4.31 -8.82
C ARG A 84 -4.31 -4.68 -8.04
N PHE A 85 -4.33 -5.86 -7.45
CA PHE A 85 -3.18 -6.38 -6.72
C PHE A 85 -3.16 -7.89 -6.82
N ILE A 86 -1.99 -8.44 -6.59
CA ILE A 86 -1.88 -9.87 -6.51
CA ILE A 86 -1.70 -9.88 -6.61
C ILE A 86 -1.12 -10.21 -5.25
N VAL A 87 -1.11 -11.49 -4.94
N VAL A 87 -1.52 -11.35 -4.67
CA VAL A 87 -0.45 -11.99 -3.75
CA VAL A 87 -0.96 -11.87 -3.41
C VAL A 87 0.50 -13.08 -4.17
C VAL A 87 -0.10 -13.09 -3.71
N ASN A 88 1.68 -13.04 -3.58
N ASN A 88 1.13 -13.06 -3.21
CA ASN A 88 2.68 -14.08 -3.66
CA ASN A 88 2.04 -14.19 -3.36
C ASN A 88 3.05 -14.55 -2.25
C ASN A 88 2.52 -14.63 -2.03
N THR A 89 3.00 -15.85 -2.00
CA THR A 89 3.38 -16.45 -0.74
C THR A 89 4.76 -17.05 -0.89
N LEU A 90 5.66 -16.66 0.00
CA LEU A 90 7.04 -17.10 -0.01
C LEU A 90 7.16 -18.49 0.57
N LYS A 91 8.30 -19.13 0.30
CA LYS A 91 8.53 -20.47 0.82
C LYS A 91 8.41 -20.53 2.33
N ASP A 92 8.78 -19.47 3.03
CA ASP A 92 8.73 -19.46 4.47
C ASP A 92 7.35 -19.18 5.03
N GLY A 93 6.38 -18.91 4.16
CA GLY A 93 5.00 -18.73 4.59
C GLY A 93 4.51 -17.29 4.57
N ARG A 94 5.43 -16.33 4.48
CA ARG A 94 5.02 -14.91 4.44
C ARG A 94 4.29 -14.59 3.15
N ARG A 95 3.27 -13.77 3.27
CA ARG A 95 2.58 -13.25 2.11
C ARG A 95 3.03 -11.88 1.75
N VAL A 96 3.16 -11.66 0.46
N VAL A 96 3.15 -11.63 0.46
CA VAL A 96 3.47 -10.36 -0.07
CA VAL A 96 3.52 -10.35 -0.11
C VAL A 96 2.29 -9.95 -0.93
C VAL A 96 2.45 -9.91 -1.11
N VAL A 97 2.05 -8.66 -1.00
CA VAL A 97 1.07 -8.08 -1.91
C VAL A 97 1.79 -7.21 -2.92
N ILE A 98 1.60 -7.50 -4.22
CA ILE A 98 2.15 -6.65 -5.26
C ILE A 98 1.05 -5.74 -5.79
N LEU A 99 1.26 -4.45 -5.68
CA LEU A 99 0.29 -3.45 -6.09
C LEU A 99 0.47 -3.19 -7.58
N MET A 100 -0.52 -3.55 -8.37
CA MET A 100 -0.43 -3.49 -9.83
C MET A 100 -1.06 -2.25 -10.42
N GLU A 101 -2.16 -1.79 -9.85
CA GLU A 101 -2.82 -0.57 -10.29
CA GLU A 101 -2.83 -0.56 -10.30
C GLU A 101 -3.28 0.15 -9.06
N LEU A 102 -2.98 1.43 -8.98
CA LEU A 102 -3.55 2.21 -7.91
CA LEU A 102 -3.17 2.25 -7.79
C LEU A 102 -3.66 3.65 -8.28
N GLU A 103 -4.58 4.29 -7.59
CA GLU A 103 -4.93 5.68 -7.86
C GLU A 103 -4.68 6.48 -6.62
N VAL A 104 -4.01 7.61 -6.72
CA VAL A 104 -3.86 8.50 -5.59
C VAL A 104 -5.13 9.36 -5.49
N LEU A 105 -5.88 9.22 -4.42
CA LEU A 105 -7.09 9.99 -4.22
C LEU A 105 -6.80 11.32 -3.56
N LYS A 106 -5.85 11.35 -2.64
CA LYS A 106 -5.46 12.58 -1.96
C LYS A 106 -3.96 12.57 -1.86
N SER A 107 -3.34 13.63 -2.32
CA SER A 107 -1.90 13.72 -2.26
C SER A 107 -1.38 13.75 -0.82
N ALA A 108 -0.11 13.41 -0.67
CA ALA A 108 0.50 13.48 0.64
C ALA A 108 0.36 14.86 1.24
N GLU A 109 0.52 15.89 0.40
CA GLU A 109 0.52 17.26 0.89
C GLU A 109 -0.87 17.69 1.33
N ALA A 110 -1.91 17.08 0.78
CA ALA A 110 -3.28 17.38 1.13
C ALA A 110 -3.78 16.62 2.34
N VAL A 111 -3.06 15.61 2.80
CA VAL A 111 -3.41 14.82 3.97
C VAL A 111 -2.47 15.19 5.11
N GLY A 112 -1.18 14.94 4.95
CA GLY A 112 -0.17 15.56 5.79
C GLY A 112 0.15 14.85 7.09
N VAL A 113 -0.62 13.83 7.46
CA VAL A 113 -0.47 13.17 8.75
C VAL A 113 -0.88 11.72 8.59
N LYS A 114 -0.37 10.85 9.45
CA LYS A 114 -0.89 9.49 9.56
C LYS A 114 -2.29 9.57 10.14
N ILE A 115 -3.22 8.91 9.48
CA ILE A 115 -4.60 8.90 9.88
C ILE A 115 -4.81 7.82 10.94
N GLY A 116 -5.46 8.18 12.03
CA GLY A 116 -5.81 7.24 13.06
C GLY A 116 -4.62 6.75 13.85
N ASN A 117 -4.82 5.57 14.45
CA ASN A 117 -3.80 4.94 15.29
C ASN A 117 -3.64 3.47 14.92
N PRO A 118 -3.25 3.19 13.68
CA PRO A 118 -3.15 1.80 13.26
C PRO A 118 -2.03 1.06 13.95
N VAL A 119 -2.21 -0.23 14.17
CA VAL A 119 -1.20 -1.05 14.84
C VAL A 119 -0.69 -2.11 13.85
N PRO A 120 0.53 -2.57 14.03
CA PRO A 120 1.04 -3.55 13.07
C PRO A 120 0.20 -4.80 12.98
N TYR A 121 -0.07 -5.26 11.77
CA TYR A 121 -0.77 -6.50 11.55
C TYR A 121 0.16 -7.66 11.82
N ASN A 122 -0.38 -8.62 12.56
CA ASN A 122 0.34 -9.83 12.95
C ASN A 122 -0.08 -10.95 12.01
N GLU A 123 0.82 -11.34 11.13
CA GLU A 123 0.52 -12.40 10.17
C GLU A 123 0.36 -13.75 10.83
O01 2P9 B . 15.15 -5.26 1.70
O01 2P9 B . 15.56 -5.37 1.84
C02 2P9 B . 15.22 -5.98 0.67
C02 2P9 B . 15.41 -5.94 0.74
C03 2P9 B . 14.06 -6.89 0.37
C03 2P9 B . 14.20 -6.79 0.53
N04 2P9 B . 13.04 -7.04 1.18
N04 2P9 B . 13.16 -6.87 1.33
N05 2P9 B . 12.20 -7.88 0.67
N05 2P9 B . 12.29 -7.72 0.86
C06 2P9 B . 10.98 -8.22 1.31
C06 2P9 B . 11.07 -7.98 1.52
C07 2P9 B . 9.84 -7.53 0.95
C07 2P9 B . 9.88 -7.55 0.94
C08 2P9 B . 8.63 -7.81 1.56
C08 2P9 B . 8.68 -7.79 1.60
CL2 2P9 B . 7.27 -6.87 1.03
CL2 2P9 B . 7.16 -7.29 0.91
C10 2P9 B . 8.54 -8.79 2.54
C10 2P9 B . 8.72 -8.42 2.83
CL 2P9 B . 7.02 -9.19 3.31
CL 2P9 B . 7.24 -8.71 3.68
C12 2P9 B . 9.70 -9.48 2.90
C12 2P9 B . 9.90 -8.84 3.40
C13 2P9 B . 10.91 -9.19 2.29
C13 2P9 B . 11.09 -8.62 2.74
C14 2P9 B . 12.61 -8.31 -0.53
C14 2P9 B . 12.71 -8.22 -0.29
C15 2P9 B . 11.92 -9.31 -1.44
C15 2P9 B . 12.01 -9.22 -1.16
C16 2P9 B . 11.25 -10.39 -0.89
C16 2P9 B . 11.22 -10.21 -0.62
C17 2P9 B . 10.64 -11.33 -1.70
C17 2P9 B . 10.63 -11.14 -1.45
C18 2P9 B . 10.72 -11.22 -3.06
C18 2P9 B . 10.86 -11.05 -2.81
C19 2P9 B . 10.03 -12.28 -3.90
C19 2P9 B . 10.22 -11.97 -3.79
N20 2P9 B . 9.49 -11.67 -5.07
N20 2P9 B . 9.53 -10.97 -4.53
C21 2P9 B . 8.07 -11.60 -5.04
C21 2P9 B . 8.37 -11.56 -5.08
C22 2P9 B . 7.49 -10.83 -6.21
C22 2P9 B . 7.76 -10.81 -6.22
C23 2P9 B . 6.55 -11.56 -6.93
C23 2P9 B . 6.63 -11.43 -6.73
C24 2P9 B . 5.92 -11.04 -8.05
C24 2P9 B . 5.95 -10.87 -7.79
C25 2P9 B . 6.26 -9.77 -8.46
C25 2P9 B . 6.45 -9.70 -8.33
C26 2P9 B . 5.61 -9.12 -9.63
C26 2P9 B . 5.76 -9.05 -9.47
C27 2P9 B . 4.56 -9.58 -10.44
C27 2P9 B . 4.64 -9.46 -10.18
C28 2P9 B . 4.36 -8.55 -11.40
C28 2P9 B . 4.41 -8.45 -11.17
C29 2P9 B . 5.30 -7.59 -11.08
C29 2P9 B . 5.42 -7.52 -10.93
C30 2P9 B . 5.57 -6.28 -11.74
C30 2P9 B . 5.67 -6.24 -11.67
O31 2P9 B . 4.85 -5.92 -12.71
O31 2P9 B . 4.96 -5.97 -12.67
O32 2P9 B . 6.48 -5.58 -11.25
O32 2P9 B . 6.56 -5.50 -11.21
O33 2P9 B . 6.02 -7.95 -10.05
O33 2P9 B . 6.19 -7.90 -9.94
C34 2P9 B . 7.18 -9.02 -7.76
C34 2P9 B . 7.57 -9.07 -7.82
C35 2P9 B . 7.81 -9.54 -6.64
C35 2P9 B . 8.25 -9.61 -6.75
CL3 2P9 B . 8.97 -8.51 -5.82
CL3 2P9 B . 9.66 -8.78 -6.13
S37 2P9 B . 7.41 -11.27 -3.43
S37 2P9 B . 7.08 -11.92 -3.92
C38 2P9 B . 11.39 -10.15 -3.64
C38 2P9 B . 11.66 -10.06 -3.36
C39 2P9 B . 12.01 -9.20 -2.82
C39 2P9 B . 12.26 -9.14 -2.52
C40 2P9 B . 13.86 -7.70 -0.78
C40 2P9 B . 13.97 -7.65 -0.56
O41 2P9 B . 16.19 -5.93 -0.12
O41 2P9 B . 16.23 -5.82 -0.21
#